data_1QS3
#
_entry.id   1QS3
#
_cell.length_a   1.000
_cell.length_b   1.000
_cell.length_c   1.000
_cell.angle_alpha   90.00
_cell.angle_beta   90.00
_cell.angle_gamma   90.00
#
_symmetry.space_group_name_H-M   'P 1'
#
_entity_poly.entity_id   1
_entity_poly.type   'polypeptide(L)'
_entity_poly.pdbx_seq_one_letter_code
;CANPACGRHYS(NH2)
;
_entity_poly.pdbx_strand_id   A
#
loop_
_chem_comp.id
_chem_comp.type
_chem_comp.name
_chem_comp.formula
NH2 non-polymer 'AMINO GROUP' 'H2 N'
#
# COMPACT_ATOMS: atom_id res chain seq x y z
N CYS A 1 5.13 -2.08 1.51
CA CYS A 1 4.56 -1.92 2.87
C CYS A 1 3.94 -3.25 3.39
N ALA A 2 4.03 -3.44 4.72
CA ALA A 2 3.47 -4.63 5.42
C ALA A 2 1.91 -4.68 5.52
N ASN A 3 1.26 -3.59 5.99
CA ASN A 3 -0.23 -3.53 6.12
C ASN A 3 -0.95 -3.33 4.74
N PRO A 4 -2.18 -3.86 4.48
CA PRO A 4 -2.86 -3.74 3.16
C PRO A 4 -3.32 -2.32 2.72
N ALA A 5 -3.93 -1.51 3.62
CA ALA A 5 -4.35 -0.13 3.30
C ALA A 5 -3.19 0.88 3.62
N CYS A 6 -2.24 1.04 2.67
CA CYS A 6 -1.04 1.89 2.85
C CYS A 6 -1.31 3.40 2.53
N GLY A 7 -1.60 3.74 1.26
CA GLY A 7 -1.87 5.14 0.86
C GLY A 7 -2.28 5.30 -0.62
N ARG A 8 -2.52 6.57 -1.01
CA ARG A 8 -2.94 6.93 -2.40
C ARG A 8 -1.67 7.29 -3.23
N HIS A 9 -1.28 6.38 -4.13
CA HIS A 9 -0.07 6.53 -4.98
C HIS A 9 -0.41 6.09 -6.44
N TYR A 10 -0.53 4.77 -6.70
CA TYR A 10 -0.82 4.23 -8.06
C TYR A 10 -2.35 4.12 -8.30
N SER A 11 -2.80 4.66 -9.44
CA SER A 11 -4.18 4.43 -9.95
C SER A 11 -4.15 3.23 -10.94
N NH2 A 12 -4.83 2.14 -10.62
HN1 NH2 A 12 -5.34 2.17 -9.73
HN2 NH2 A 12 -4.81 1.36 -11.28
N CYS A 1 5.10 -2.08 1.52
CA CYS A 1 4.55 -1.93 2.88
C CYS A 1 3.94 -3.27 3.40
N ALA A 2 4.04 -3.47 4.74
CA ALA A 2 3.48 -4.66 5.42
C ALA A 2 1.93 -4.71 5.53
N ASN A 3 1.27 -3.62 5.99
CA ASN A 3 -0.21 -3.55 6.11
C ASN A 3 -0.92 -3.34 4.73
N PRO A 4 -2.16 -3.86 4.47
CA PRO A 4 -2.84 -3.73 3.15
C PRO A 4 -3.30 -2.31 2.71
N ALA A 5 -3.92 -1.51 3.61
CA ALA A 5 -4.34 -0.12 3.30
C ALA A 5 -3.20 0.90 3.62
N CYS A 6 -2.25 1.06 2.67
CA CYS A 6 -1.06 1.93 2.87
C CYS A 6 -1.33 3.42 2.49
N GLY A 7 -1.58 3.73 1.20
CA GLY A 7 -1.86 5.11 0.75
C GLY A 7 -2.01 5.26 -0.77
N ARG A 8 -2.31 6.50 -1.21
CA ARG A 8 -2.48 6.83 -2.65
C ARG A 8 -1.11 7.31 -3.21
N HIS A 9 -0.43 6.41 -3.92
CA HIS A 9 0.97 6.63 -4.40
C HIS A 9 1.12 6.12 -5.86
N TYR A 10 1.02 4.79 -6.10
CA TYR A 10 1.25 4.20 -7.45
C TYR A 10 0.11 3.17 -7.71
N SER A 11 -0.77 3.47 -8.68
CA SER A 11 -1.91 2.60 -9.04
C SER A 11 -1.51 1.61 -10.16
N NH2 A 12 -1.51 0.32 -9.88
HN1 NH2 A 12 -1.23 -0.32 -10.65
HN2 NH2 A 12 -1.77 0.05 -8.93
N CYS A 1 5.56 -0.97 2.86
CA CYS A 1 4.70 -1.45 3.97
C CYS A 1 4.12 -2.85 3.67
N ALA A 2 4.13 -3.73 4.70
CA ALA A 2 3.42 -5.03 4.67
C ALA A 2 1.86 -4.98 4.87
N ASN A 3 1.31 -3.97 5.57
CA ASN A 3 -0.15 -3.88 5.86
C ASN A 3 -1.05 -3.50 4.63
N PRO A 4 -2.38 -3.82 4.60
CA PRO A 4 -3.24 -3.63 3.41
C PRO A 4 -3.72 -2.17 3.11
N ALA A 5 -4.03 -1.35 4.14
CA ALA A 5 -4.41 0.08 3.94
C ALA A 5 -3.17 1.03 4.10
N CYS A 6 -2.30 1.05 3.07
CA CYS A 6 -1.11 1.96 3.02
C CYS A 6 -0.72 2.28 1.56
N GLY A 7 -0.36 1.27 0.73
CA GLY A 7 0.02 1.48 -0.68
C GLY A 7 0.24 0.17 -1.46
N ARG A 8 0.65 0.32 -2.74
CA ARG A 8 0.90 -0.83 -3.66
C ARG A 8 2.37 -1.31 -3.47
N HIS A 9 2.53 -2.43 -2.74
CA HIS A 9 3.85 -2.93 -2.30
C HIS A 9 3.92 -4.47 -2.54
N TYR A 10 3.20 -5.30 -1.76
CA TYR A 10 3.21 -6.78 -1.90
C TYR A 10 2.11 -7.24 -2.91
N SER A 11 2.52 -8.09 -3.87
CA SER A 11 1.58 -8.82 -4.76
C SER A 11 1.30 -10.23 -4.14
N NH2 A 12 0.07 -10.50 -3.75
HN1 NH2 A 12 -0.63 -9.76 -3.88
HN2 NH2 A 12 -0.09 -11.43 -3.35
N CYS A 1 5.05 -1.95 1.59
CA CYS A 1 4.50 -1.90 2.96
C CYS A 1 3.96 -3.27 3.42
N ALA A 2 4.07 -3.53 4.74
CA ALA A 2 3.54 -4.78 5.38
C ALA A 2 1.99 -4.85 5.48
N ASN A 3 1.32 -3.82 6.04
CA ASN A 3 -0.16 -3.78 6.17
C ASN A 3 -0.88 -3.38 4.83
N PRO A 4 -2.18 -3.71 4.59
CA PRO A 4 -2.81 -3.65 3.24
C PRO A 4 -3.31 -2.26 2.75
N ALA A 5 -3.95 -1.43 3.60
CA ALA A 5 -4.41 -0.07 3.24
C ALA A 5 -3.29 0.97 3.55
N CYS A 6 -2.32 1.12 2.63
CA CYS A 6 -1.12 1.98 2.85
C CYS A 6 -1.36 3.46 2.42
N GLY A 7 -1.59 3.74 1.12
CA GLY A 7 -1.84 5.11 0.63
C GLY A 7 -2.05 5.20 -0.90
N ARG A 8 -2.31 6.43 -1.38
CA ARG A 8 -2.56 6.72 -2.81
C ARG A 8 -1.22 7.16 -3.47
N HIS A 9 -0.63 6.24 -4.27
CA HIS A 9 0.67 6.48 -4.96
C HIS A 9 0.67 5.83 -6.37
N TYR A 10 0.54 4.48 -6.47
CA TYR A 10 0.73 3.73 -7.73
C TYR A 10 -0.62 3.58 -8.46
N SER A 11 -0.72 4.16 -9.67
CA SER A 11 -1.97 4.11 -10.49
C SER A 11 -2.10 2.81 -11.34
N NH2 A 12 -1.20 2.49 -12.26
HN1 NH2 A 12 -1.36 1.62 -12.77
HN2 NH2 A 12 -0.43 3.16 -12.39
N CYS A 1 6.10 -1.29 2.88
CA CYS A 1 5.01 -1.51 3.87
C CYS A 1 4.27 -2.84 3.58
N ALA A 2 4.13 -3.68 4.62
CA ALA A 2 3.33 -4.93 4.56
C ALA A 2 1.79 -4.80 4.82
N ASN A 3 1.28 -3.68 5.37
CA ASN A 3 -0.15 -3.57 5.82
C ASN A 3 -1.20 -3.45 4.67
N PRO A 4 -2.49 -3.87 4.84
CA PRO A 4 -3.56 -3.75 3.81
C PRO A 4 -3.85 -2.33 3.23
N ALA A 5 -4.11 -1.33 4.09
CA ALA A 5 -4.37 0.08 3.65
C ALA A 5 -3.07 0.93 3.77
N CYS A 6 -2.11 0.70 2.85
CA CYS A 6 -0.82 1.46 2.80
C CYS A 6 -0.92 2.66 1.82
N GLY A 7 -0.99 2.43 0.50
CA GLY A 7 -1.10 3.52 -0.50
C GLY A 7 -0.98 2.99 -1.95
N ARG A 8 -1.75 3.58 -2.89
CA ARG A 8 -1.74 3.16 -4.32
C ARG A 8 -0.71 4.05 -5.08
N HIS A 9 0.47 3.48 -5.33
CA HIS A 9 1.64 4.24 -5.88
C HIS A 9 2.31 3.42 -7.02
N TYR A 10 2.96 2.27 -6.71
CA TYR A 10 3.72 1.46 -7.71
C TYR A 10 3.36 -0.03 -7.48
N SER A 11 2.66 -0.64 -8.45
CA SER A 11 2.23 -2.05 -8.37
C SER A 11 3.33 -3.00 -8.94
N NH2 A 12 3.83 -3.93 -8.15
HN1 NH2 A 12 3.46 -3.96 -7.19
HN2 NH2 A 12 4.55 -4.55 -8.54
N CYS A 1 5.90 -1.35 2.68
CA CYS A 1 4.89 -1.50 3.76
C CYS A 1 4.14 -2.86 3.64
N ALA A 2 4.02 -3.55 4.79
CA ALA A 2 3.33 -4.87 4.87
C ALA A 2 1.78 -4.83 4.95
N ASN A 3 1.17 -3.85 5.66
CA ASN A 3 -0.30 -3.82 5.91
C ASN A 3 -1.15 -3.45 4.64
N PRO A 4 -2.41 -3.97 4.44
CA PRO A 4 -3.24 -3.66 3.25
C PRO A 4 -3.73 -2.19 3.07
N ALA A 5 -3.99 -1.43 4.15
CA ALA A 5 -4.28 0.03 4.07
C ALA A 5 -2.94 0.84 4.07
N CYS A 6 -2.32 0.97 2.87
CA CYS A 6 -1.00 1.64 2.71
C CYS A 6 -1.07 2.62 1.50
N GLY A 7 -1.13 2.13 0.24
CA GLY A 7 -1.18 2.99 -0.95
C GLY A 7 -1.45 2.19 -2.24
N ARG A 8 -0.83 2.60 -3.37
CA ARG A 8 -1.00 1.92 -4.69
C ARG A 8 0.10 0.82 -4.82
N HIS A 9 -0.30 -0.44 -4.56
CA HIS A 9 0.64 -1.59 -4.47
C HIS A 9 0.03 -2.79 -5.25
N TYR A 10 -1.03 -3.45 -4.72
CA TYR A 10 -1.67 -4.62 -5.39
C TYR A 10 -2.80 -4.15 -6.35
N SER A 11 -2.76 -4.67 -7.59
CA SER A 11 -3.86 -4.55 -8.56
C SER A 11 -4.80 -5.79 -8.44
N NH2 A 12 -6.07 -5.59 -8.09
HN1 NH2 A 12 -6.35 -4.61 -7.92
HN2 NH2 A 12 -6.66 -6.42 -8.01
N CYS A 1 5.12 -2.07 1.52
CA CYS A 1 4.55 -1.92 2.88
C CYS A 1 3.94 -3.25 3.40
N ALA A 2 4.03 -3.44 4.73
CA ALA A 2 3.48 -4.64 5.42
C ALA A 2 1.92 -4.69 5.53
N ASN A 3 1.26 -3.60 5.99
CA ASN A 3 -0.22 -3.54 6.11
C ASN A 3 -0.93 -3.33 4.73
N PRO A 4 -2.17 -3.86 4.47
CA PRO A 4 -2.85 -3.74 3.15
C PRO A 4 -3.32 -2.31 2.72
N ALA A 5 -3.93 -1.51 3.62
CA ALA A 5 -4.35 -0.13 3.31
C ALA A 5 -3.19 0.88 3.62
N CYS A 6 -2.25 1.05 2.66
CA CYS A 6 -1.05 1.91 2.86
C CYS A 6 -1.31 3.40 2.51
N GLY A 7 -1.62 3.73 1.24
CA GLY A 7 -1.87 5.12 0.81
C GLY A 7 -2.29 5.26 -0.67
N ARG A 8 -2.49 6.52 -1.09
CA ARG A 8 -2.91 6.86 -2.48
C ARG A 8 -1.64 7.21 -3.31
N HIS A 9 -1.23 6.27 -4.18
CA HIS A 9 -0.01 6.41 -5.03
C HIS A 9 -0.24 5.76 -6.42
N TYR A 10 -0.43 4.43 -6.49
CA TYR A 10 -0.50 3.68 -7.77
C TYR A 10 -1.98 3.63 -8.26
N SER A 11 -2.27 4.32 -9.37
CA SER A 11 -3.65 4.45 -9.91
C SER A 11 -3.57 4.36 -11.46
N NH2 A 12 -4.12 3.32 -12.06
HN1 NH2 A 12 -4.06 3.29 -13.09
HN2 NH2 A 12 -4.58 2.63 -11.45
N CYS A 1 5.04 -1.94 1.63
CA CYS A 1 4.55 -1.96 3.02
C CYS A 1 3.99 -3.35 3.43
N ALA A 2 4.17 -3.69 4.71
CA ALA A 2 3.51 -4.88 5.34
C ALA A 2 1.97 -4.79 5.53
N ASN A 3 1.40 -3.59 5.82
CA ASN A 3 -0.06 -3.41 6.02
C ASN A 3 -0.85 -3.32 4.67
N PRO A 4 -2.14 -3.76 4.55
CA PRO A 4 -2.91 -3.71 3.26
C PRO A 4 -3.32 -2.30 2.76
N ALA A 5 -3.96 -1.45 3.59
CA ALA A 5 -4.38 -0.09 3.21
C ALA A 5 -3.28 0.95 3.58
N CYS A 6 -2.26 1.10 2.71
CA CYS A 6 -1.10 2.01 2.96
C CYS A 6 -1.37 3.46 2.49
N GLY A 7 -1.49 3.71 1.17
CA GLY A 7 -1.76 5.05 0.63
C GLY A 7 -1.75 5.12 -0.92
N ARG A 8 -2.04 6.33 -1.44
CA ARG A 8 -2.09 6.59 -2.91
C ARG A 8 -0.69 7.11 -3.35
N HIS A 9 0.13 6.20 -3.90
CA HIS A 9 1.56 6.48 -4.23
C HIS A 9 1.89 5.86 -5.62
N TYR A 10 1.99 4.51 -5.73
CA TYR A 10 2.32 3.82 -7.00
C TYR A 10 1.02 3.49 -7.78
N SER A 11 0.98 3.92 -9.06
CA SER A 11 -0.08 3.52 -10.01
C SER A 11 0.24 2.19 -10.74
N NH2 A 12 1.28 2.10 -11.58
HN1 NH2 A 12 1.44 1.20 -12.02
HN2 NH2 A 12 1.82 2.97 -11.72
N CYS A 1 6.00 -1.45 2.59
CA CYS A 1 5.02 -1.58 3.69
C CYS A 1 4.19 -2.88 3.56
N ALA A 2 4.10 -3.63 4.68
CA ALA A 2 3.32 -4.90 4.75
C ALA A 2 1.77 -4.78 4.94
N ASN A 3 1.28 -3.71 5.60
CA ASN A 3 -0.17 -3.55 5.94
C ASN A 3 -1.13 -3.37 4.69
N PRO A 4 -2.42 -3.83 4.70
CA PRO A 4 -3.33 -3.75 3.54
C PRO A 4 -3.78 -2.32 3.09
N ALA A 5 -4.11 -1.40 4.02
CA ALA A 5 -4.39 0.03 3.70
C ALA A 5 -3.10 0.90 3.83
N CYS A 6 -2.15 0.73 2.89
CA CYS A 6 -0.87 1.48 2.86
C CYS A 6 -0.95 2.69 1.87
N GLY A 7 -0.97 2.44 0.54
CA GLY A 7 -1.04 3.52 -0.46
C GLY A 7 -1.08 3.01 -1.93
N ARG A 8 -1.13 3.98 -2.87
CA ARG A 8 -1.15 3.70 -4.32
C ARG A 8 0.10 4.38 -4.93
N HIS A 9 1.17 3.58 -5.17
CA HIS A 9 2.49 4.08 -5.62
C HIS A 9 3.05 3.18 -6.76
N TYR A 10 3.40 1.91 -6.47
CA TYR A 10 4.03 0.98 -7.45
C TYR A 10 3.30 -0.38 -7.36
N SER A 11 2.56 -0.75 -8.43
CA SER A 11 1.80 -2.01 -8.50
C SER A 11 2.66 -3.14 -9.13
N NH2 A 12 2.99 -4.17 -8.37
HN1 NH2 A 12 3.57 -4.90 -8.81
HN2 NH2 A 12 2.64 -4.17 -7.40
N CYS A 1 6.11 -1.30 2.90
CA CYS A 1 5.03 -1.52 3.88
C CYS A 1 4.27 -2.83 3.59
N ALA A 2 4.14 -3.69 4.61
CA ALA A 2 3.32 -4.93 4.55
C ALA A 2 1.79 -4.80 4.80
N ASN A 3 1.27 -3.68 5.37
CA ASN A 3 -0.15 -3.57 5.82
C ASN A 3 -1.21 -3.44 4.68
N PRO A 4 -2.50 -3.86 4.85
CA PRO A 4 -3.56 -3.75 3.81
C PRO A 4 -3.85 -2.33 3.23
N ALA A 5 -4.12 -1.32 4.09
CA ALA A 5 -4.36 0.08 3.65
C ALA A 5 -3.07 0.93 3.77
N CYS A 6 -2.10 0.70 2.86
CA CYS A 6 -0.82 1.46 2.81
C CYS A 6 -0.92 2.65 1.81
N GLY A 7 -0.94 2.40 0.49
CA GLY A 7 -1.02 3.47 -0.52
C GLY A 7 -1.05 2.95 -1.98
N ARG A 8 -1.14 3.91 -2.93
CA ARG A 8 -1.18 3.61 -4.38
C ARG A 8 0.28 3.65 -4.93
N HIS A 9 0.88 2.46 -5.10
CA HIS A 9 2.33 2.32 -5.43
C HIS A 9 2.49 1.28 -6.57
N TYR A 10 2.29 -0.03 -6.31
CA TYR A 10 2.44 -1.10 -7.32
C TYR A 10 1.09 -1.36 -8.05
N SER A 11 1.14 -1.32 -9.40
CA SER A 11 0.01 -1.75 -10.26
C SER A 11 0.13 -3.27 -10.61
N NH2 A 12 1.07 -3.70 -11.45
HN1 NH2 A 12 1.69 -2.99 -11.85
HN2 NH2 A 12 1.09 -4.71 -11.62
N CYS A 1 5.09 -1.92 1.65
CA CYS A 1 4.55 -1.93 3.01
C CYS A 1 3.98 -3.32 3.42
N ALA A 2 4.15 -3.66 4.71
CA ALA A 2 3.51 -4.85 5.32
C ALA A 2 1.96 -4.76 5.52
N ASN A 3 1.39 -3.57 5.82
CA ASN A 3 -0.08 -3.40 6.03
C ASN A 3 -0.87 -3.32 4.67
N PRO A 4 -2.16 -3.77 4.56
CA PRO A 4 -2.93 -3.73 3.28
C PRO A 4 -3.34 -2.31 2.76
N ALA A 5 -3.97 -1.46 3.61
CA ALA A 5 -4.39 -0.10 3.22
C ALA A 5 -3.27 0.93 3.57
N CYS A 6 -2.27 1.08 2.68
CA CYS A 6 -1.09 1.95 2.91
C CYS A 6 -1.34 3.44 2.52
N GLY A 7 -1.57 3.74 1.22
CA GLY A 7 -1.84 5.11 0.76
C GLY A 7 -2.04 5.23 -0.78
N ARG A 8 -2.33 6.47 -1.22
CA ARG A 8 -2.58 6.78 -2.65
C ARG A 8 -1.25 7.28 -3.29
N HIS A 9 -0.62 6.41 -4.09
CA HIS A 9 0.67 6.70 -4.77
C HIS A 9 0.72 6.05 -6.19
N TYR A 10 0.65 4.70 -6.28
CA TYR A 10 0.88 3.97 -7.55
C TYR A 10 -0.46 3.75 -8.29
N SER A 11 -0.60 4.35 -9.49
CA SER A 11 -1.82 4.23 -10.33
C SER A 11 -1.42 4.18 -11.84
N NH2 A 12 -0.98 5.28 -12.46
HN1 NH2 A 12 -0.92 6.14 -11.90
HN2 NH2 A 12 -0.73 5.17 -13.44
N CYS A 1 6.09 -1.28 2.88
CA CYS A 1 5.01 -1.51 3.87
C CYS A 1 4.27 -2.84 3.58
N ALA A 2 4.13 -3.68 4.62
CA ALA A 2 3.32 -4.93 4.57
C ALA A 2 1.79 -4.80 4.82
N ASN A 3 1.27 -3.67 5.37
CA ASN A 3 -0.15 -3.57 5.82
C ASN A 3 -1.20 -3.45 4.67
N PRO A 4 -2.49 -3.87 4.84
CA PRO A 4 -3.56 -3.75 3.80
C PRO A 4 -3.85 -2.33 3.23
N ALA A 5 -4.12 -1.33 4.09
CA ALA A 5 -4.37 0.07 3.66
C ALA A 5 -3.08 0.93 3.77
N CYS A 6 -2.11 0.70 2.86
CA CYS A 6 -0.83 1.46 2.80
C CYS A 6 -0.92 2.66 1.82
N GLY A 7 -1.03 2.42 0.50
CA GLY A 7 -1.13 3.51 -0.50
C GLY A 7 -1.24 3.01 -1.96
N ARG A 8 -1.34 3.97 -2.89
CA ARG A 8 -1.48 3.70 -4.34
C ARG A 8 -0.06 3.64 -4.97
N HIS A 9 0.43 2.41 -5.22
CA HIS A 9 1.82 2.15 -5.66
C HIS A 9 1.82 1.10 -6.81
N TYR A 10 1.52 -0.19 -6.53
CA TYR A 10 1.50 -1.26 -7.55
C TYR A 10 0.07 -1.39 -8.17
N SER A 11 0.01 -1.35 -9.51
CA SER A 11 -1.22 -1.67 -10.28
C SER A 11 -1.27 -3.19 -10.63
N NH2 A 12 -0.43 -3.70 -11.54
HN1 NH2 A 12 -0.52 -4.71 -11.72
HN2 NH2 A 12 0.21 -3.05 -11.99
N CYS A 1 5.29 -1.79 1.76
CA CYS A 1 4.68 -1.83 3.11
C CYS A 1 4.14 -3.24 3.46
N ALA A 2 4.17 -3.56 4.77
CA ALA A 2 3.51 -4.77 5.32
C ALA A 2 1.95 -4.74 5.40
N ASN A 3 1.32 -3.56 5.68
CA ASN A 3 -0.15 -3.48 5.92
C ASN A 3 -1.02 -3.45 4.62
N PRO A 4 -2.30 -3.91 4.61
CA PRO A 4 -3.24 -3.77 3.47
C PRO A 4 -3.51 -2.35 2.89
N ALA A 5 -3.97 -1.39 3.73
CA ALA A 5 -4.35 -0.03 3.27
C ALA A 5 -3.21 0.98 3.57
N CYS A 6 -2.18 1.02 2.69
CA CYS A 6 -0.99 1.91 2.88
C CYS A 6 -1.24 3.37 2.45
N GLY A 7 -1.46 3.65 1.15
CA GLY A 7 -1.71 5.02 0.65
C GLY A 7 -1.95 5.10 -0.88
N ARG A 8 -2.18 6.33 -1.36
CA ARG A 8 -2.44 6.61 -2.80
C ARG A 8 -1.08 6.92 -3.49
N HIS A 9 -0.54 5.91 -4.19
CA HIS A 9 0.84 5.98 -4.77
C HIS A 9 0.79 5.45 -6.24
N TYR A 10 0.62 4.13 -6.45
CA TYR A 10 0.58 3.53 -7.81
C TYR A 10 -0.87 3.51 -8.38
N SER A 11 -1.02 4.01 -9.62
CA SER A 11 -2.27 3.85 -10.41
C SER A 11 -2.15 2.59 -11.31
N NH2 A 12 -2.98 1.59 -11.08
HN1 NH2 A 12 -2.88 0.77 -11.69
HN2 NH2 A 12 -3.66 1.72 -10.33
N CYS A 1 5.14 -2.02 1.55
CA CYS A 1 4.63 -1.94 2.93
C CYS A 1 4.04 -3.30 3.41
N ALA A 2 4.13 -3.53 4.73
CA ALA A 2 3.52 -4.71 5.40
C ALA A 2 1.96 -4.68 5.50
N ASN A 3 1.35 -3.56 5.91
CA ASN A 3 -0.13 -3.42 6.05
C ASN A 3 -0.90 -3.35 4.69
N PRO A 4 -2.23 -3.67 4.61
CA PRO A 4 -2.98 -3.72 3.33
C PRO A 4 -3.44 -2.34 2.74
N ALA A 5 -4.02 -1.44 3.57
CA ALA A 5 -4.39 -0.06 3.14
C ALA A 5 -3.27 0.93 3.54
N CYS A 6 -2.20 1.03 2.71
CA CYS A 6 -1.03 1.91 2.99
C CYS A 6 -1.27 3.40 2.61
N GLY A 7 -1.48 3.71 1.31
CA GLY A 7 -1.73 5.10 0.87
C GLY A 7 -1.87 5.25 -0.67
N ARG A 8 -2.12 6.50 -1.10
CA ARG A 8 -2.27 6.85 -2.54
C ARG A 8 -1.27 8.01 -2.83
N HIS A 9 -0.12 7.67 -3.44
CA HIS A 9 0.98 8.64 -3.71
C HIS A 9 1.54 8.42 -5.15
N TYR A 10 2.18 7.27 -5.44
CA TYR A 10 2.84 7.01 -6.75
C TYR A 10 2.41 5.59 -7.22
N SER A 11 1.64 5.53 -8.32
CA SER A 11 1.13 4.25 -8.88
C SER A 11 2.18 3.53 -9.81
N NH2 A 12 2.61 4.12 -10.92
HN1 NH2 A 12 3.30 3.59 -11.48
HN2 NH2 A 12 2.24 5.05 -11.13
N CYS A 1 5.89 -1.35 2.67
CA CYS A 1 4.88 -1.49 3.73
C CYS A 1 4.14 -2.86 3.63
N ALA A 2 4.02 -3.55 4.78
CA ALA A 2 3.34 -4.87 4.89
C ALA A 2 1.78 -4.83 4.96
N ASN A 3 1.17 -3.85 5.67
CA ASN A 3 -0.30 -3.81 5.92
C ASN A 3 -1.15 -3.46 4.65
N PRO A 4 -2.40 -3.97 4.46
CA PRO A 4 -3.24 -3.67 3.26
C PRO A 4 -3.73 -2.20 3.07
N ALA A 5 -3.99 -1.43 4.15
CA ALA A 5 -4.28 0.03 4.05
C ALA A 5 -2.95 0.84 4.04
N CYS A 6 -2.32 0.95 2.86
CA CYS A 6 -0.99 1.62 2.69
C CYS A 6 -1.08 2.65 1.52
N GLY A 7 -1.18 2.20 0.25
CA GLY A 7 -1.28 3.11 -0.91
C GLY A 7 -1.37 2.38 -2.27
N ARG A 8 -1.48 3.18 -3.34
CA ARG A 8 -1.58 2.67 -4.74
C ARG A 8 -0.81 3.68 -5.64
N HIS A 9 0.38 3.26 -6.12
CA HIS A 9 1.25 4.10 -7.00
C HIS A 9 1.95 3.22 -8.08
N TYR A 10 2.83 2.29 -7.68
CA TYR A 10 3.70 1.53 -8.62
C TYR A 10 3.01 0.22 -9.06
N SER A 11 2.71 0.10 -10.37
CA SER A 11 2.06 -1.09 -10.96
C SER A 11 2.61 -1.30 -12.39
N NH2 A 12 3.39 -2.35 -12.62
HN1 NH2 A 12 3.56 -2.97 -11.82
HN2 NH2 A 12 3.73 -2.47 -13.57
N CYS A 1 5.22 -1.74 1.76
CA CYS A 1 4.57 -1.77 3.09
C CYS A 1 4.09 -3.19 3.47
N ALA A 2 4.12 -3.47 4.79
CA ALA A 2 3.54 -4.71 5.37
C ALA A 2 1.98 -4.79 5.41
N ASN A 3 1.27 -3.69 5.73
CA ASN A 3 -0.20 -3.71 5.96
C ASN A 3 -1.04 -3.49 4.64
N PRO A 4 -2.34 -3.93 4.55
CA PRO A 4 -3.19 -3.74 3.33
C PRO A 4 -3.49 -2.28 2.87
N ALA A 5 -3.98 -1.40 3.77
CA ALA A 5 -4.37 -0.02 3.42
C ALA A 5 -3.18 0.97 3.64
N CYS A 6 -2.27 1.05 2.65
CA CYS A 6 -1.03 1.89 2.74
C CYS A 6 -1.28 3.37 2.31
N GLY A 7 -1.62 3.63 1.04
CA GLY A 7 -1.87 4.99 0.54
C GLY A 7 -2.22 5.07 -0.96
N ARG A 8 -2.49 6.30 -1.43
CA ARG A 8 -2.84 6.58 -2.85
C ARG A 8 -1.97 7.77 -3.31
N HIS A 9 -0.90 7.47 -4.07
CA HIS A 9 0.09 8.49 -4.54
C HIS A 9 0.45 8.21 -6.03
N TYR A 10 1.16 7.09 -6.34
CA TYR A 10 1.64 6.78 -7.71
C TYR A 10 1.36 5.27 -7.97
N SER A 11 0.43 4.99 -8.90
CA SER A 11 0.04 3.59 -9.26
C SER A 11 1.00 2.92 -10.28
N NH2 A 12 1.15 3.43 -11.50
HN1 NH2 A 12 1.80 2.94 -12.13
HN2 NH2 A 12 0.60 4.27 -11.72
N CYS A 1 6.01 -1.36 2.76
CA CYS A 1 4.98 -1.57 3.79
C CYS A 1 4.22 -2.91 3.57
N ALA A 2 4.17 -3.74 4.63
CA ALA A 2 3.35 -4.98 4.65
C ALA A 2 1.81 -4.82 4.92
N ASN A 3 1.34 -3.68 5.47
CA ASN A 3 -0.09 -3.51 5.87
C ASN A 3 -1.08 -3.33 4.66
N PRO A 4 -2.41 -3.67 4.79
CA PRO A 4 -3.36 -3.70 3.65
C PRO A 4 -3.86 -2.31 3.13
N ALA A 5 -4.18 -1.35 4.02
CA ALA A 5 -4.43 0.06 3.63
C ALA A 5 -3.13 0.91 3.78
N CYS A 6 -2.18 0.73 2.84
CA CYS A 6 -0.89 1.46 2.82
C CYS A 6 -0.97 2.71 1.88
N GLY A 7 -1.06 2.52 0.55
CA GLY A 7 -1.12 3.63 -0.41
C GLY A 7 -1.33 3.19 -1.88
N ARG A 8 -1.39 4.19 -2.78
CA ARG A 8 -1.58 3.96 -4.23
C ARG A 8 -0.77 5.07 -4.97
N HIS A 9 0.40 4.67 -5.54
CA HIS A 9 1.33 5.62 -6.22
C HIS A 9 1.81 4.97 -7.55
N TYR A 10 2.67 3.94 -7.50
CA TYR A 10 3.20 3.27 -8.72
C TYR A 10 2.28 2.09 -9.14
N SER A 11 1.88 2.09 -10.43
CA SER A 11 1.18 0.95 -11.06
C SER A 11 2.21 -0.04 -11.69
N NH2 A 12 2.88 0.29 -12.79
HN1 NH2 A 12 2.67 1.21 -13.20
HN2 NH2 A 12 3.54 -0.40 -13.15
N CYS A 1 6.09 -1.25 2.94
CA CYS A 1 4.99 -1.51 3.90
C CYS A 1 4.26 -2.84 3.59
N ALA A 2 4.14 -3.70 4.60
CA ALA A 2 3.33 -4.95 4.51
C ALA A 2 1.80 -4.84 4.80
N ASN A 3 1.27 -3.71 5.33
CA ASN A 3 -0.13 -3.63 5.83
C ASN A 3 -1.20 -3.45 4.69
N PRO A 4 -2.50 -3.84 4.87
CA PRO A 4 -3.55 -3.73 3.82
C PRO A 4 -3.84 -2.31 3.24
N ALA A 5 -4.13 -1.31 4.09
CA ALA A 5 -4.37 0.09 3.65
C ALA A 5 -3.07 0.94 3.77
N CYS A 6 -2.12 0.73 2.83
CA CYS A 6 -0.84 1.48 2.77
C CYS A 6 -0.93 2.68 1.79
N GLY A 7 -0.99 2.43 0.46
CA GLY A 7 -1.10 3.50 -0.55
C GLY A 7 -1.03 3.01 -2.01
N ARG A 8 -1.18 3.95 -2.95
CA ARG A 8 -1.15 3.67 -4.41
C ARG A 8 0.31 3.85 -4.92
N HIS A 9 1.01 2.71 -5.10
CA HIS A 9 2.46 2.68 -5.41
C HIS A 9 2.72 1.65 -6.55
N TYR A 10 2.62 0.33 -6.27
CA TYR A 10 2.87 -0.74 -7.28
C TYR A 10 1.55 -1.09 -8.03
N SER A 11 1.61 -1.07 -9.37
CA SER A 11 0.52 -1.58 -10.25
C SER A 11 0.75 -3.09 -10.56
N NH2 A 12 1.73 -3.48 -11.38
HN1 NH2 A 12 2.30 -2.73 -11.78
HN2 NH2 A 12 1.82 -4.49 -11.53
N CYS A 1 5.72 -0.94 3.00
CA CYS A 1 4.81 -1.49 4.03
C CYS A 1 4.18 -2.84 3.59
N ALA A 2 4.17 -3.81 4.52
CA ALA A 2 3.32 -5.04 4.40
C ALA A 2 1.82 -4.91 4.83
N ASN A 3 1.35 -3.72 5.29
CA ASN A 3 -0.05 -3.53 5.77
C ASN A 3 -1.08 -3.39 4.60
N PRO A 4 -2.39 -3.77 4.75
CA PRO A 4 -3.40 -3.71 3.65
C PRO A 4 -3.81 -2.28 3.17
N ALA A 5 -4.16 -1.35 4.08
CA ALA A 5 -4.46 0.06 3.72
C ALA A 5 -3.24 0.97 4.00
N CYS A 6 -2.22 0.92 3.11
CA CYS A 6 -1.03 1.81 3.18
C CYS A 6 -0.53 2.21 1.76
N GLY A 7 -0.13 1.23 0.91
CA GLY A 7 0.35 1.51 -0.45
C GLY A 7 0.77 0.23 -1.22
N ARG A 8 1.23 0.43 -2.47
CA ARG A 8 1.68 -0.68 -3.36
C ARG A 8 3.20 -0.91 -3.12
N HIS A 9 3.51 -1.86 -2.22
CA HIS A 9 4.90 -2.08 -1.71
C HIS A 9 5.13 -3.62 -1.50
N TYR A 10 4.49 -4.25 -0.51
CA TYR A 10 4.73 -5.68 -0.16
C TYR A 10 3.34 -6.34 0.08
N SER A 11 2.98 -7.32 -0.76
CA SER A 11 1.70 -8.06 -0.66
C SER A 11 1.93 -9.55 -1.05
N NH2 A 12 2.14 -9.90 -2.31
HN1 NH2 A 12 2.15 -9.14 -3.01
HN2 NH2 A 12 2.29 -10.91 -2.50
N CYS A 1 5.89 -1.28 2.78
CA CYS A 1 4.86 -1.46 3.83
C CYS A 1 4.14 -2.83 3.67
N ALA A 2 3.99 -3.54 4.81
CA ALA A 2 3.34 -4.88 4.85
C ALA A 2 1.78 -4.87 4.89
N ASN A 3 1.15 -3.97 5.68
CA ASN A 3 -0.32 -3.99 5.92
C ASN A 3 -1.16 -3.50 4.68
N PRO A 4 -2.41 -3.98 4.43
CA PRO A 4 -3.23 -3.62 3.24
C PRO A 4 -3.74 -2.16 3.09
N ALA A 5 -3.94 -1.40 4.20
CA ALA A 5 -4.25 0.05 4.15
C ALA A 5 -2.91 0.87 4.09
N CYS A 6 -2.35 1.01 2.88
CA CYS A 6 -1.02 1.67 2.67
C CYS A 6 -1.08 2.56 1.39
N GLY A 7 -1.15 1.97 0.18
CA GLY A 7 -1.21 2.74 -1.08
C GLY A 7 -1.13 1.83 -2.33
N ARG A 8 -1.86 2.18 -3.41
CA ARG A 8 -1.86 1.39 -4.68
C ARG A 8 -1.63 2.41 -5.84
N HIS A 9 -0.39 2.43 -6.35
CA HIS A 9 0.02 3.38 -7.42
C HIS A 9 0.89 2.63 -8.47
N TYR A 10 2.15 2.25 -8.14
CA TYR A 10 3.06 1.53 -9.07
C TYR A 10 2.87 -0.01 -8.90
N SER A 11 2.65 -0.69 -10.04
CA SER A 11 2.66 -2.18 -10.12
C SER A 11 4.09 -2.69 -10.47
N NH2 A 12 4.59 -2.52 -11.69
HN1 NH2 A 12 5.54 -2.87 -11.86
HN2 NH2 A 12 3.99 -2.04 -12.38
N CYS A 1 5.89 -1.31 2.73
CA CYS A 1 4.88 -1.49 3.80
C CYS A 1 4.15 -2.85 3.66
N ALA A 2 4.02 -3.55 4.80
CA ALA A 2 3.34 -4.87 4.86
C ALA A 2 1.77 -4.84 4.93
N ASN A 3 1.16 -3.88 5.65
CA ASN A 3 -0.31 -3.86 5.90
C ASN A 3 -1.16 -3.46 4.64
N PRO A 4 -2.40 -3.98 4.43
CA PRO A 4 -3.24 -3.65 3.23
C PRO A 4 -3.74 -2.17 3.07
N ALA A 5 -3.98 -1.43 4.17
CA ALA A 5 -4.26 0.03 4.13
C ALA A 5 -2.93 0.84 4.10
N CYS A 6 -2.34 0.98 2.90
CA CYS A 6 -1.02 1.65 2.70
C CYS A 6 -1.06 2.56 1.45
N GLY A 7 -1.12 2.00 0.22
CA GLY A 7 -1.18 2.80 -1.02
C GLY A 7 -1.18 1.95 -2.31
N ARG A 8 -1.25 2.65 -3.46
CA ARG A 8 -1.29 2.00 -4.81
C ARG A 8 0.16 1.87 -5.32
N HIS A 9 0.73 0.65 -5.17
CA HIS A 9 2.17 0.38 -5.45
C HIS A 9 2.29 -0.95 -6.26
N TYR A 10 2.04 -2.12 -5.63
CA TYR A 10 2.16 -3.45 -6.30
C TYR A 10 0.79 -3.84 -6.95
N SER A 11 0.85 -4.25 -8.23
CA SER A 11 -0.29 -4.90 -8.92
C SER A 11 -0.14 -6.44 -8.80
N NH2 A 12 -1.08 -7.10 -8.12
HN1 NH2 A 12 -1.83 -6.55 -7.73
HN2 NH2 A 12 -0.95 -8.12 -8.05
N CYS A 1 5.89 -1.36 2.65
CA CYS A 1 4.89 -1.50 3.73
C CYS A 1 4.14 -2.86 3.63
N ALA A 2 4.03 -3.54 4.78
CA ALA A 2 3.34 -4.87 4.89
C ALA A 2 1.78 -4.82 4.97
N ASN A 3 1.18 -3.84 5.66
CA ASN A 3 -0.29 -3.79 5.92
C ASN A 3 -1.14 -3.45 4.65
N PRO A 4 -2.40 -3.96 4.48
CA PRO A 4 -3.24 -3.67 3.27
C PRO A 4 -3.73 -2.20 3.06
N ALA A 5 -4.00 -1.43 4.14
CA ALA A 5 -4.29 0.02 4.03
C ALA A 5 -2.96 0.85 4.04
N CYS A 6 -2.30 0.94 2.86
CA CYS A 6 -0.99 1.61 2.70
C CYS A 6 -1.07 2.66 1.55
N GLY A 7 -1.16 2.23 0.28
CA GLY A 7 -1.25 3.15 -0.87
C GLY A 7 -1.30 2.45 -2.25
N ARG A 8 -1.40 3.26 -3.31
CA ARG A 8 -1.45 2.78 -4.72
C ARG A 8 -0.38 3.59 -5.52
N HIS A 9 0.77 2.95 -5.78
CA HIS A 9 1.94 3.60 -6.43
C HIS A 9 2.54 2.66 -7.53
N TYR A 10 3.13 1.51 -7.15
CA TYR A 10 3.80 0.58 -8.10
C TYR A 10 3.33 -0.86 -7.78
N SER A 11 2.51 -1.44 -8.68
CA SER A 11 1.94 -2.80 -8.49
C SER A 11 2.86 -3.90 -9.10
N NH2 A 12 3.04 -4.00 -10.41
HN1 NH2 A 12 3.66 -4.73 -10.75
HN2 NH2 A 12 2.52 -3.32 -11.00
N CYS A 1 6.11 -1.35 2.73
CA CYS A 1 5.09 -1.52 3.77
C CYS A 1 4.28 -2.83 3.57
N ALA A 2 4.09 -3.58 4.67
CA ALA A 2 3.32 -4.85 4.66
C ALA A 2 1.77 -4.74 4.82
N ASN A 3 1.23 -3.70 5.50
CA ASN A 3 -0.21 -3.64 5.90
C ASN A 3 -1.23 -3.47 4.71
N PRO A 4 -2.53 -3.91 4.82
CA PRO A 4 -3.56 -3.76 3.76
C PRO A 4 -3.84 -2.33 3.19
N ALA A 5 -4.12 -1.34 4.06
CA ALA A 5 -4.36 0.06 3.64
C ALA A 5 -3.08 0.93 3.78
N CYS A 6 -2.09 0.68 2.89
CA CYS A 6 -0.81 1.45 2.87
C CYS A 6 -0.89 2.63 1.86
N GLY A 7 -0.96 2.37 0.54
CA GLY A 7 -1.06 3.44 -0.48
C GLY A 7 -1.08 2.92 -1.94
N ARG A 8 -1.21 3.87 -2.89
CA ARG A 8 -1.27 3.57 -4.34
C ARG A 8 0.18 3.57 -4.90
N HIS A 9 0.73 2.36 -5.11
CA HIS A 9 2.16 2.17 -5.50
C HIS A 9 2.25 1.16 -6.68
N TYR A 10 1.99 -0.14 -6.46
CA TYR A 10 2.06 -1.18 -7.52
C TYR A 10 0.68 -1.33 -8.23
N SER A 11 0.70 -1.29 -9.57
CA SER A 11 -0.46 -1.66 -10.42
C SER A 11 -0.33 -3.15 -10.84
N NH2 A 12 -1.26 -4.00 -10.43
HN1 NH2 A 12 -1.14 -4.98 -10.73
HN2 NH2 A 12 -2.02 -3.62 -9.86
N CYS A 1 5.25 -1.79 1.73
CA CYS A 1 4.65 -1.83 3.08
C CYS A 1 4.13 -3.24 3.44
N ALA A 2 4.17 -3.56 4.76
CA ALA A 2 3.51 -4.78 5.32
C ALA A 2 1.95 -4.73 5.41
N ASN A 3 1.34 -3.57 5.71
CA ASN A 3 -0.13 -3.47 5.94
C ASN A 3 -1.00 -3.44 4.62
N PRO A 4 -2.31 -3.86 4.63
CA PRO A 4 -3.21 -3.76 3.44
C PRO A 4 -3.49 -2.34 2.88
N ALA A 5 -4.00 -1.40 3.70
CA ALA A 5 -4.37 -0.03 3.24
C ALA A 5 -3.23 0.98 3.57
N CYS A 6 -2.20 1.03 2.69
CA CYS A 6 -1.01 1.89 2.89
C CYS A 6 -1.24 3.38 2.48
N GLY A 7 -1.51 3.66 1.19
CA GLY A 7 -1.73 5.04 0.70
C GLY A 7 -2.08 5.14 -0.80
N ARG A 8 -2.26 6.37 -1.28
CA ARG A 8 -2.62 6.67 -2.69
C ARG A 8 -1.30 6.87 -3.50
N HIS A 9 -0.91 5.83 -4.25
CA HIS A 9 0.40 5.77 -4.97
C HIS A 9 0.21 5.22 -6.41
N TYR A 10 -0.18 3.93 -6.57
CA TYR A 10 -0.30 3.28 -7.89
C TYR A 10 -1.67 2.54 -7.94
N SER A 11 -2.60 3.04 -8.78
CA SER A 11 -3.95 2.45 -8.95
C SER A 11 -4.38 2.55 -10.45
N NH2 A 12 -4.73 3.73 -10.97
HN1 NH2 A 12 -4.69 4.54 -10.34
HN2 NH2 A 12 -5.00 3.73 -11.96
N CYS A 1 5.14 -2.03 1.55
CA CYS A 1 4.55 -1.91 2.90
C CYS A 1 3.95 -3.24 3.40
N ALA A 2 4.03 -3.45 4.73
CA ALA A 2 3.48 -4.67 5.41
C ALA A 2 1.92 -4.73 5.50
N ASN A 3 1.26 -3.67 6.01
CA ASN A 3 -0.22 -3.62 6.14
C ASN A 3 -0.94 -3.34 4.77
N PRO A 4 -2.17 -3.85 4.50
CA PRO A 4 -2.85 -3.73 3.17
C PRO A 4 -3.32 -2.31 2.73
N ALA A 5 -3.92 -1.50 3.63
CA ALA A 5 -4.36 -0.11 3.31
C ALA A 5 -3.20 0.90 3.60
N CYS A 6 -2.25 1.05 2.65
CA CYS A 6 -1.06 1.91 2.83
C CYS A 6 -1.33 3.41 2.47
N GLY A 7 -1.59 3.73 1.19
CA GLY A 7 -1.86 5.12 0.76
C GLY A 7 -2.21 5.26 -0.74
N ARG A 8 -2.48 6.51 -1.15
CA ARG A 8 -2.84 6.85 -2.55
C ARG A 8 -1.57 7.38 -3.28
N HIS A 9 -0.99 6.53 -4.14
CA HIS A 9 0.25 6.85 -4.89
C HIS A 9 0.11 6.34 -6.35
N TYR A 10 0.22 5.02 -6.59
CA TYR A 10 0.15 4.43 -7.96
C TYR A 10 -1.33 4.07 -8.32
N SER A 11 -1.77 4.55 -9.49
CA SER A 11 -3.07 4.14 -10.10
C SER A 11 -2.85 2.92 -11.04
N NH2 A 12 -2.23 3.07 -12.21
HN1 NH2 A 12 -2.11 2.23 -12.79
HN2 NH2 A 12 -1.91 4.02 -12.45
N CYS A 1 5.70 -1.07 2.67
CA CYS A 1 4.83 -1.36 3.83
C CYS A 1 4.08 -2.70 3.65
N ALA A 2 4.03 -3.50 4.74
CA ALA A 2 3.36 -4.82 4.75
C ALA A 2 1.80 -4.82 4.84
N ASN A 3 1.17 -3.88 5.59
CA ASN A 3 -0.30 -3.90 5.87
C ASN A 3 -1.21 -3.59 4.62
N PRO A 4 -2.50 -4.04 4.56
CA PRO A 4 -3.44 -3.72 3.46
C PRO A 4 -3.71 -2.23 3.13
N ALA A 5 -4.02 -1.39 4.14
CA ALA A 5 -4.33 0.05 3.94
C ALA A 5 -3.08 0.96 4.13
N CYS A 6 -2.17 0.94 3.12
CA CYS A 6 -0.99 1.84 3.07
C CYS A 6 -0.57 2.17 1.61
N GLY A 7 -0.26 1.16 0.77
CA GLY A 7 0.11 1.37 -0.64
C GLY A 7 0.31 0.06 -1.44
N ARG A 8 0.68 0.22 -2.73
CA ARG A 8 0.89 -0.94 -3.64
C ARG A 8 2.37 -1.40 -3.53
N HIS A 9 2.57 -2.52 -2.80
CA HIS A 9 3.92 -2.99 -2.39
C HIS A 9 4.05 -4.53 -2.61
N TYR A 10 3.30 -5.36 -1.85
CA TYR A 10 3.46 -6.84 -1.86
C TYR A 10 2.22 -7.46 -2.57
N SER A 11 2.44 -8.06 -3.76
CA SER A 11 1.37 -8.71 -4.55
C SER A 11 1.98 -9.94 -5.27
N NH2 A 12 1.59 -11.15 -4.89
HN1 NH2 A 12 0.90 -11.19 -4.13
HN2 NH2 A 12 2.01 -11.95 -5.39
N CYS A 1 5.90 -1.38 2.63
CA CYS A 1 4.89 -1.51 3.71
C CYS A 1 4.14 -2.86 3.61
N ALA A 2 4.02 -3.55 4.77
CA ALA A 2 3.34 -4.86 4.88
C ALA A 2 1.78 -4.81 4.97
N ASN A 3 1.18 -3.83 5.67
CA ASN A 3 -0.28 -3.77 5.93
C ASN A 3 -1.14 -3.45 4.66
N PRO A 4 -2.41 -3.96 4.49
CA PRO A 4 -3.25 -3.69 3.30
C PRO A 4 -3.73 -2.22 3.06
N ALA A 5 -4.00 -1.44 4.12
CA ALA A 5 -4.29 0.02 4.00
C ALA A 5 -2.97 0.84 4.01
N CYS A 6 -2.29 0.92 2.85
CA CYS A 6 -0.97 1.60 2.70
C CYS A 6 -1.06 2.69 1.58
N GLY A 7 -1.16 2.30 0.29
CA GLY A 7 -1.25 3.26 -0.82
C GLY A 7 -1.46 2.60 -2.21
N ARG A 8 -1.54 3.46 -3.25
CA ARG A 8 -1.76 3.02 -4.64
C ARG A 8 -0.38 2.74 -5.30
N HIS A 9 -0.04 1.45 -5.42
CA HIS A 9 1.32 1.00 -5.86
C HIS A 9 1.16 -0.12 -6.93
N TYR A 10 0.73 -1.34 -6.55
CA TYR A 10 0.55 -2.48 -7.49
C TYR A 10 -0.89 -2.48 -8.08
N SER A 11 -0.97 -2.58 -9.42
CA SER A 11 -2.25 -2.86 -10.14
C SER A 11 -2.40 -4.39 -10.35
N NH2 A 12 -3.45 -4.99 -9.79
HN1 NH2 A 12 -4.09 -4.39 -9.27
HN2 NH2 A 12 -3.54 -6.00 -9.95
N CYS A 1 6.01 -1.36 2.77
CA CYS A 1 4.98 -1.57 3.79
C CYS A 1 4.22 -2.91 3.57
N ALA A 2 4.17 -3.74 4.63
CA ALA A 2 3.35 -4.98 4.65
C ALA A 2 1.82 -4.83 4.92
N ASN A 3 1.33 -3.69 5.47
CA ASN A 3 -0.09 -3.51 5.87
C ASN A 3 -1.08 -3.33 4.66
N PRO A 4 -2.41 -3.67 4.79
CA PRO A 4 -3.36 -3.70 3.65
C PRO A 4 -3.86 -2.31 3.13
N ALA A 5 -4.18 -1.35 4.02
CA ALA A 5 -4.43 0.06 3.63
C ALA A 5 -3.13 0.91 3.78
N CYS A 6 -2.18 0.74 2.84
CA CYS A 6 -0.89 1.46 2.83
C CYS A 6 -0.97 2.70 1.88
N GLY A 7 -1.02 2.50 0.54
CA GLY A 7 -1.09 3.62 -0.42
C GLY A 7 -1.11 3.12 -1.89
N ARG A 8 -1.84 3.82 -2.78
CA ARG A 8 -1.93 3.47 -4.23
C ARG A 8 -1.73 4.78 -5.03
N HIS A 9 -0.54 4.94 -5.63
CA HIS A 9 -0.17 6.17 -6.38
C HIS A 9 0.50 5.77 -7.73
N TYR A 10 1.71 5.18 -7.71
CA TYR A 10 2.46 4.77 -8.93
C TYR A 10 2.54 3.23 -8.93
N SER A 11 1.72 2.57 -9.77
CA SER A 11 1.58 1.10 -9.81
C SER A 11 1.63 0.59 -11.28
N NH2 A 12 0.61 0.81 -12.11
HN1 NH2 A 12 0.71 0.45 -13.06
HN2 NH2 A 12 -0.20 1.32 -11.72
N CYS A 1 5.11 -1.78 1.77
CA CYS A 1 4.55 -1.89 3.14
C CYS A 1 4.04 -3.32 3.45
N ALA A 2 4.20 -3.74 4.72
CA ALA A 2 3.54 -4.95 5.28
C ALA A 2 1.99 -4.87 5.45
N ASN A 3 1.44 -3.70 5.84
CA ASN A 3 -0.03 -3.51 6.03
C ASN A 3 -0.84 -3.36 4.69
N PRO A 4 -2.18 -3.64 4.64
CA PRO A 4 -2.96 -3.67 3.37
C PRO A 4 -3.42 -2.28 2.82
N ALA A 5 -4.00 -1.39 3.65
CA ALA A 5 -4.43 -0.04 3.22
C ALA A 5 -3.31 1.00 3.55
N CYS A 6 -2.29 1.10 2.66
CA CYS A 6 -1.11 1.98 2.89
C CYS A 6 -1.34 3.43 2.42
N GLY A 7 -1.50 3.69 1.10
CA GLY A 7 -1.73 5.05 0.57
C GLY A 7 -1.78 5.12 -0.97
N ARG A 8 -2.03 6.33 -1.48
CA ARG A 8 -2.08 6.62 -2.94
C ARG A 8 -1.20 7.86 -3.19
N HIS A 9 0.03 7.64 -3.71
CA HIS A 9 1.05 8.71 -3.91
C HIS A 9 1.69 8.53 -5.31
N TYR A 10 2.53 7.50 -5.53
CA TYR A 10 3.22 7.26 -6.83
C TYR A 10 2.34 6.35 -7.74
N SER A 11 2.08 6.83 -8.97
CA SER A 11 1.44 6.02 -10.04
C SER A 11 2.48 5.20 -10.86
N NH2 A 12 3.38 5.81 -11.61
HN1 NH2 A 12 4.04 5.21 -12.12
HN2 NH2 A 12 3.35 6.83 -11.63
N CYS A 1 5.73 -1.02 2.92
CA CYS A 1 4.82 -1.45 3.99
C CYS A 1 4.08 -2.75 3.60
N ALA A 2 4.16 -3.78 4.46
CA ALA A 2 3.31 -5.00 4.34
C ALA A 2 1.83 -4.90 4.86
N ASN A 3 1.34 -3.71 5.29
CA ASN A 3 -0.05 -3.51 5.78
C ASN A 3 -1.09 -3.38 4.61
N PRO A 4 -2.38 -3.77 4.75
CA PRO A 4 -3.38 -3.73 3.66
C PRO A 4 -3.80 -2.31 3.14
N ALA A 5 -4.16 -1.38 4.05
CA ALA A 5 -4.46 0.03 3.67
C ALA A 5 -3.23 0.95 3.97
N CYS A 6 -2.19 0.89 3.11
CA CYS A 6 -0.99 1.78 3.21
C CYS A 6 -0.45 2.18 1.81
N GLY A 7 -0.09 1.23 0.93
CA GLY A 7 0.43 1.52 -0.42
C GLY A 7 0.73 0.26 -1.26
N ARG A 8 1.20 0.48 -2.49
CA ARG A 8 1.53 -0.62 -3.45
C ARG A 8 3.03 -1.02 -3.26
N HIS A 9 3.24 -2.11 -2.48
CA HIS A 9 4.59 -2.54 -2.03
C HIS A 9 4.69 -4.08 -2.07
N TYR A 10 3.98 -4.81 -1.18
CA TYR A 10 4.07 -6.29 -1.04
C TYR A 10 2.75 -6.90 -1.58
N SER A 11 2.84 -7.64 -2.70
CA SER A 11 1.67 -8.29 -3.35
C SER A 11 1.42 -9.71 -2.77
N NH2 A 12 0.25 -9.96 -2.19
HN1 NH2 A 12 0.11 -10.90 -1.82
HN2 NH2 A 12 -0.43 -9.18 -2.17
#